data_3E6Y
#
_entry.id   3E6Y
#
_cell.length_a   41.800
_cell.length_b   141.900
_cell.length_c   51.400
_cell.angle_alpha   90.00
_cell.angle_beta   114.10
_cell.angle_gamma   90.00
#
_symmetry.space_group_name_H-M   'P 1 21 1'
#
loop_
_entity.id
_entity.type
_entity.pdbx_description
1 polymer '14-3-3-like protein C'
2 polymer 'H+-ATPase phosphopeptide QSYpTV'
3 non-polymer 'Cotylenin A'
4 non-polymer 'CHLORIDE ION'
5 water water
#
loop_
_entity_poly.entity_id
_entity_poly.type
_entity_poly.pdbx_seq_one_letter_code
_entity_poly.pdbx_strand_id
1 'polypeptide(L)'
;MAVAPTAREENVYMAKLAEQAERYEEMVEFMEKVSNSLGSEELTVEERNLLSVAYKNVIGARRASWRIISSIEQKEESRG
NEEHVNSIREYRSKIENELSKICDGILKLLDAKLIPSAASGDSKVFYLKMKGDYHRYLAEFKTGAERKEAAESTLTAYKA
AQDIATTELAPTHPIRLGLALNFSVFYYEILNSPDRACNLAKQAFDEAIAELDTLGEESYKDSTLIMQLLRDNLTLWTSD
MQDDGADEIKEDPKPDEAKN
;
A,B
2 'polypeptide(L)' QSY(TPO)V C,D
#
loop_
_chem_comp.id
_chem_comp.type
_chem_comp.name
_chem_comp.formula
CL non-polymer 'CHLORIDE ION' 'Cl -1'
CW1 non-polymer 'Cotylenin A' 'C34 H52 O12'
#
# COMPACT_ATOMS: atom_id res chain seq x y z
N PRO A 5 -3.47 -32.30 -4.27
CA PRO A 5 -3.40 -30.97 -3.60
C PRO A 5 -4.51 -30.65 -2.58
N THR A 6 -5.79 -30.75 -2.97
CA THR A 6 -7.05 -30.48 -2.18
C THR A 6 -7.55 -29.04 -2.35
N ALA A 7 -8.83 -28.81 -2.04
CA ALA A 7 -9.46 -27.51 -2.34
C ALA A 7 -9.08 -26.48 -1.28
N ARG A 8 -8.98 -26.94 -0.05
CA ARG A 8 -8.72 -26.10 1.05
C ARG A 8 -7.23 -25.71 1.08
N GLU A 9 -6.34 -26.56 0.55
CA GLU A 9 -4.90 -26.32 0.63
C GLU A 9 -4.32 -25.26 -0.31
N GLU A 10 -4.75 -25.26 -1.57
CA GLU A 10 -4.18 -24.29 -2.52
C GLU A 10 -4.79 -22.88 -2.43
N ASN A 11 -6.08 -22.80 -2.11
CA ASN A 11 -6.62 -21.53 -1.59
C ASN A 11 -5.74 -20.94 -0.48
N VAL A 12 -5.41 -21.72 0.56
CA VAL A 12 -4.38 -21.34 1.54
C VAL A 12 -3.03 -20.90 0.89
N TYR A 13 -2.56 -21.64 -0.12
CA TYR A 13 -1.30 -21.33 -0.83
C TYR A 13 -1.42 -19.99 -1.57
N MET A 14 -2.54 -19.84 -2.28
CA MET A 14 -2.95 -18.56 -2.92
C MET A 14 -3.03 -17.36 -1.98
N ALA A 15 -3.55 -17.57 -0.78
CA ALA A 15 -3.59 -16.52 0.26
C ALA A 15 -2.16 -16.11 0.72
N LYS A 16 -1.23 -17.07 0.77
CA LYS A 16 0.17 -16.78 1.05
C LYS A 16 0.85 -16.04 -0.09
N LEU A 17 0.54 -16.41 -1.33
CA LEU A 17 1.04 -15.67 -2.48
C LEU A 17 0.54 -14.20 -2.46
N ALA A 18 -0.76 -14.01 -2.20
CA ALA A 18 -1.34 -12.68 -2.24
C ALA A 18 -0.74 -11.83 -1.14
N GLU A 19 -0.32 -12.48 -0.05
CA GLU A 19 0.30 -11.75 1.07
C GLU A 19 1.64 -11.17 0.65
N GLN A 20 2.43 -11.98 -0.03
CA GLN A 20 3.72 -11.57 -0.53
C GLN A 20 3.63 -10.46 -1.52
N ALA A 21 2.57 -10.47 -2.34
CA ALA A 21 2.37 -9.52 -3.43
C ALA A 21 1.75 -8.21 -2.89
N GLU A 22 1.37 -8.23 -1.61
CA GLU A 22 0.78 -7.11 -0.87
C GLU A 22 -0.55 -6.69 -1.48
N ARG A 23 -1.33 -7.71 -1.82
CA ARG A 23 -2.56 -7.53 -2.53
C ARG A 23 -3.56 -8.18 -1.58
N TYR A 24 -3.91 -7.40 -0.56
CA TYR A 24 -4.72 -7.86 0.54
C TYR A 24 -6.21 -8.08 0.29
N GLU A 25 -6.82 -7.35 -0.63
CA GLU A 25 -8.18 -7.68 -1.01
C GLU A 25 -8.22 -9.13 -1.52
N GLU A 26 -7.24 -9.54 -2.32
CA GLU A 26 -7.24 -10.90 -2.80
C GLU A 26 -6.98 -11.89 -1.70
N MET A 27 -6.20 -11.49 -0.69
CA MET A 27 -5.85 -12.41 0.37
C MET A 27 -7.09 -12.82 1.14
N VAL A 28 -7.89 -11.82 1.53
CA VAL A 28 -9.22 -11.99 2.14
C VAL A 28 -10.15 -12.95 1.35
N GLU A 29 -10.36 -12.69 0.07
CA GLU A 29 -11.17 -13.58 -0.78
C GLU A 29 -10.72 -15.04 -0.66
N PHE A 30 -9.42 -15.29 -0.69
CA PHE A 30 -8.92 -16.68 -0.60
C PHE A 30 -9.26 -17.38 0.71
N MET A 31 -9.13 -16.63 1.82
CA MET A 31 -9.40 -17.10 3.18
C MET A 31 -10.88 -17.19 3.47
N GLU A 32 -11.67 -16.44 2.74
CA GLU A 32 -13.11 -16.54 2.79
C GLU A 32 -13.47 -17.88 2.21
N LYS A 33 -13.08 -18.08 0.95
CA LYS A 33 -13.26 -19.35 0.27
C LYS A 33 -12.89 -20.48 1.22
N VAL A 34 -11.80 -20.34 1.95
CA VAL A 34 -11.38 -21.41 2.85
C VAL A 34 -12.40 -21.59 3.96
N SER A 35 -12.87 -20.46 4.49
CA SER A 35 -13.50 -20.36 5.82
C SER A 35 -14.89 -20.93 5.92
N ASN A 36 -15.80 -20.43 5.09
CA ASN A 36 -17.17 -20.87 5.23
C ASN A 36 -17.36 -22.14 4.44
N SER A 37 -16.46 -22.35 3.48
CA SER A 37 -16.57 -23.50 2.57
C SER A 37 -15.76 -24.65 3.17
N LEU A 38 -15.83 -24.77 4.50
CA LEU A 38 -15.41 -25.97 5.17
C LEU A 38 -16.61 -26.82 5.59
N GLY A 39 -17.47 -26.27 6.45
CA GLY A 39 -18.48 -27.08 7.16
C GLY A 39 -18.52 -26.67 8.61
N SER A 40 -18.20 -27.59 9.52
CA SER A 40 -18.24 -27.29 10.97
C SER A 40 -16.93 -27.62 11.71
N GLU A 41 -15.88 -27.90 10.95
CA GLU A 41 -14.52 -27.93 11.50
C GLU A 41 -14.14 -26.51 11.88
N GLU A 42 -13.20 -26.36 12.80
CA GLU A 42 -12.50 -25.12 13.04
C GLU A 42 -11.40 -24.85 11.99
N LEU A 43 -11.08 -23.56 11.79
CA LEU A 43 -9.86 -23.14 11.09
C LEU A 43 -8.65 -23.59 11.90
N THR A 44 -7.60 -24.02 11.22
CA THR A 44 -6.31 -24.37 11.84
C THR A 44 -5.59 -23.12 12.36
N VAL A 45 -4.63 -23.32 13.26
CA VAL A 45 -3.84 -22.21 13.79
C VAL A 45 -3.33 -21.30 12.65
N GLU A 46 -2.67 -21.87 11.64
CA GLU A 46 -2.13 -21.06 10.55
C GLU A 46 -3.21 -20.35 9.70
N GLU A 47 -4.40 -20.99 9.54
CA GLU A 47 -5.54 -20.35 8.83
C GLU A 47 -6.18 -19.16 9.55
N ARG A 48 -6.55 -19.32 10.82
CA ARG A 48 -6.85 -18.25 11.77
C ARG A 48 -5.93 -17.01 11.55
N ASN A 49 -4.63 -17.25 11.63
CA ASN A 49 -3.65 -16.19 11.56
C ASN A 49 -3.71 -15.46 10.24
N LEU A 50 -3.80 -16.26 9.16
CA LEU A 50 -3.83 -15.71 7.83
C LEU A 50 -5.12 -14.94 7.67
N LEU A 51 -6.19 -15.34 8.35
CA LEU A 51 -7.45 -14.59 8.19
C LEU A 51 -7.38 -13.21 8.83
N SER A 52 -6.83 -13.15 10.05
CA SER A 52 -6.87 -11.97 10.83
C SER A 52 -5.91 -10.93 10.24
N VAL A 53 -4.86 -11.42 9.60
CA VAL A 53 -3.90 -10.62 8.93
C VAL A 53 -4.48 -10.03 7.66
N ALA A 54 -5.23 -10.86 6.93
CA ALA A 54 -5.75 -10.43 5.66
C ALA A 54 -6.72 -9.26 5.95
N TYR A 55 -7.61 -9.44 6.93
CA TYR A 55 -8.53 -8.37 7.27
C TYR A 55 -7.90 -7.14 7.91
N LYS A 56 -6.85 -7.30 8.67
CA LYS A 56 -6.24 -6.19 9.39
C LYS A 56 -5.58 -5.21 8.40
N ASN A 57 -4.87 -5.80 7.42
CA ASN A 57 -4.27 -5.05 6.33
C ASN A 57 -5.24 -4.31 5.43
N VAL A 58 -6.33 -4.96 5.00
CA VAL A 58 -7.41 -4.30 4.23
C VAL A 58 -7.99 -3.20 5.10
N ILE A 59 -8.30 -3.50 6.35
CA ILE A 59 -8.91 -2.42 7.08
C ILE A 59 -7.95 -1.29 7.41
N GLY A 60 -6.68 -1.57 7.67
CA GLY A 60 -5.80 -0.55 8.13
C GLY A 60 -5.53 0.54 7.08
N ALA A 61 -5.35 0.17 5.81
CA ALA A 61 -5.24 1.12 4.71
C ALA A 61 -6.40 2.14 4.73
N ARG A 62 -7.58 1.70 5.15
CA ARG A 62 -8.71 2.59 5.17
C ARG A 62 -8.75 3.46 6.46
N ARG A 63 -8.48 2.81 7.58
CA ARG A 63 -8.22 3.55 8.81
C ARG A 63 -7.20 4.69 8.55
N ALA A 64 -6.13 4.39 7.85
CA ALA A 64 -5.09 5.41 7.64
C ALA A 64 -5.57 6.59 6.74
N SER A 65 -6.32 6.25 5.68
CA SER A 65 -6.97 7.21 4.77
C SER A 65 -7.96 8.05 5.53
N TRP A 66 -8.84 7.40 6.29
CA TRP A 66 -9.82 8.10 7.10
C TRP A 66 -9.15 9.13 8.06
N ARG A 67 -8.10 8.75 8.80
CA ARG A 67 -7.44 9.69 9.72
C ARG A 67 -6.93 10.96 8.98
N ILE A 68 -6.18 10.76 7.89
CA ILE A 68 -5.55 11.84 7.17
C ILE A 68 -6.60 12.73 6.52
N ILE A 69 -7.68 12.13 5.99
CA ILE A 69 -8.73 12.90 5.39
C ILE A 69 -9.50 13.66 6.51
N SER A 70 -9.69 13.00 7.65
CA SER A 70 -10.45 13.54 8.77
C SER A 70 -9.70 14.72 9.42
N SER A 71 -8.39 14.67 9.34
CA SER A 71 -7.54 15.72 9.86
C SER A 71 -7.51 16.94 8.93
N ILE A 72 -7.45 16.71 7.61
CA ILE A 72 -7.55 17.78 6.62
C ILE A 72 -8.91 18.47 6.61
N GLU A 73 -9.99 17.72 6.88
CA GLU A 73 -11.33 18.30 6.96
C GLU A 73 -11.35 19.35 8.07
N GLN A 74 -10.69 19.03 9.17
CA GLN A 74 -10.73 19.85 10.34
C GLN A 74 -9.94 21.11 10.14
N LYS A 75 -8.79 21.01 9.48
CA LYS A 75 -7.95 22.19 9.22
C LYS A 75 -8.59 23.10 8.21
N GLU A 76 -9.43 22.54 7.35
CA GLU A 76 -10.05 23.33 6.30
C GLU A 76 -11.31 23.99 6.88
N GLU A 77 -11.83 23.39 7.94
CA GLU A 77 -12.93 24.00 8.67
C GLU A 77 -12.46 25.24 9.42
N SER A 78 -11.24 25.22 9.99
CA SER A 78 -10.70 26.42 10.67
C SER A 78 -10.45 27.60 9.71
N ARG A 79 -9.99 27.29 8.51
CA ARG A 79 -9.63 28.31 7.54
C ARG A 79 -10.85 29.02 6.99
N GLY A 80 -12.01 28.45 7.30
CA GLY A 80 -13.29 28.90 6.78
C GLY A 80 -13.56 28.51 5.34
N ASN A 81 -12.69 27.70 4.72
CA ASN A 81 -12.85 27.26 3.34
C ASN A 81 -13.99 26.24 3.25
N GLU A 82 -15.22 26.74 3.08
CA GLU A 82 -16.44 25.92 3.25
C GLU A 82 -16.68 24.89 2.10
N GLU A 83 -16.20 25.20 0.90
CA GLU A 83 -16.39 24.34 -0.27
C GLU A 83 -15.46 23.13 -0.30
N HIS A 84 -14.21 23.36 0.08
CA HIS A 84 -13.27 22.30 0.27
C HIS A 84 -13.88 21.32 1.23
N VAL A 85 -14.34 21.81 2.39
CA VAL A 85 -15.01 20.99 3.41
C VAL A 85 -16.11 20.11 2.83
N ASN A 86 -16.90 20.62 1.90
CA ASN A 86 -18.00 19.83 1.32
C ASN A 86 -17.46 18.69 0.49
N SER A 87 -16.45 18.99 -0.31
CA SER A 87 -15.77 18.01 -1.15
C SER A 87 -15.11 16.93 -0.31
N ILE A 88 -14.46 17.34 0.79
CA ILE A 88 -13.66 16.43 1.65
C ILE A 88 -14.61 15.49 2.36
N ARG A 89 -15.59 16.05 3.07
CA ARG A 89 -16.68 15.27 3.65
C ARG A 89 -17.27 14.15 2.72
N GLU A 90 -17.54 14.51 1.46
CA GLU A 90 -18.06 13.55 0.51
C GLU A 90 -17.05 12.40 0.24
N TYR A 91 -15.77 12.75 0.12
CA TYR A 91 -14.74 11.76 0.04
C TYR A 91 -14.72 10.90 1.28
N ARG A 92 -14.85 11.55 2.44
CA ARG A 92 -14.79 10.87 3.72
C ARG A 92 -15.90 9.85 3.79
N SER A 93 -17.05 10.18 3.21
CA SER A 93 -18.17 9.21 3.13
C SER A 93 -17.76 7.98 2.33
N LYS A 94 -17.10 8.22 1.20
CA LYS A 94 -16.69 7.09 0.38
C LYS A 94 -15.82 6.10 1.22
N ILE A 95 -14.80 6.61 1.93
CA ILE A 95 -13.93 5.79 2.76
C ILE A 95 -14.74 5.14 3.91
N GLU A 96 -15.65 5.89 4.54
CA GLU A 96 -16.53 5.32 5.60
C GLU A 96 -17.45 4.18 5.11
N ASN A 97 -17.93 4.30 3.90
CA ASN A 97 -18.71 3.25 3.21
C ASN A 97 -17.84 1.99 3.15
N GLU A 98 -16.57 2.14 2.75
CA GLU A 98 -15.69 0.98 2.62
C GLU A 98 -15.48 0.35 3.98
N LEU A 99 -15.19 1.18 4.99
CA LEU A 99 -14.98 0.71 6.34
C LEU A 99 -16.15 -0.11 6.89
N SER A 100 -17.38 0.37 6.66
CA SER A 100 -18.56 -0.34 7.17
C SER A 100 -18.69 -1.67 6.50
N LYS A 101 -18.45 -1.69 5.19
CA LYS A 101 -18.50 -2.91 4.42
C LYS A 101 -17.45 -3.93 4.90
N ILE A 102 -16.18 -3.55 4.93
CA ILE A 102 -15.11 -4.44 5.46
C ILE A 102 -15.48 -5.08 6.82
N CYS A 103 -15.93 -4.24 7.77
CA CYS A 103 -16.22 -4.66 9.12
C CYS A 103 -17.35 -5.66 9.10
N ASP A 104 -18.26 -5.45 8.17
CA ASP A 104 -19.45 -6.26 8.06
C ASP A 104 -19.06 -7.64 7.54
N GLY A 105 -18.12 -7.69 6.58
CA GLY A 105 -17.57 -8.95 6.07
C GLY A 105 -17.13 -9.83 7.24
N ILE A 106 -16.17 -9.33 8.03
CA ILE A 106 -15.60 -10.17 9.08
C ILE A 106 -16.60 -10.47 10.21
N LEU A 107 -17.39 -9.47 10.57
CA LEU A 107 -18.29 -9.63 11.70
C LEU A 107 -19.38 -10.66 11.40
N LYS A 108 -19.69 -10.84 10.11
CA LYS A 108 -20.69 -11.80 9.58
C LYS A 108 -20.19 -13.27 9.73
N LEU A 109 -19.00 -13.52 9.19
CA LEU A 109 -18.25 -14.75 9.38
C LEU A 109 -18.04 -15.14 10.87
N LEU A 110 -17.69 -14.17 11.73
CA LEU A 110 -17.46 -14.44 13.15
C LEU A 110 -18.74 -14.88 13.88
N ASP A 111 -19.85 -14.20 13.65
CA ASP A 111 -21.13 -14.53 14.34
C ASP A 111 -21.73 -15.82 13.82
N ALA A 112 -21.63 -16.05 12.51
CA ALA A 112 -22.30 -17.19 11.82
C ALA A 112 -21.56 -18.53 11.95
N LYS A 113 -20.22 -18.50 11.85
CA LYS A 113 -19.41 -19.71 11.98
C LYS A 113 -18.41 -19.66 13.12
N LEU A 114 -17.53 -18.65 13.14
CA LEU A 114 -16.28 -18.81 13.86
C LEU A 114 -16.40 -18.87 15.37
N ILE A 115 -17.19 -17.97 15.95
CA ILE A 115 -17.51 -18.03 17.38
C ILE A 115 -18.32 -19.29 17.79
N PRO A 116 -19.44 -19.57 17.09
CA PRO A 116 -20.13 -20.83 17.38
C PRO A 116 -19.30 -22.11 17.27
N SER A 117 -18.26 -22.19 16.43
CA SER A 117 -17.53 -23.49 16.35
C SER A 117 -16.14 -23.65 17.09
N ALA A 118 -15.61 -22.56 17.64
CA ALA A 118 -14.43 -22.68 18.52
C ALA A 118 -14.67 -23.61 19.71
N ALA A 119 -13.87 -24.66 19.79
CA ALA A 119 -13.99 -25.68 20.86
C ALA A 119 -12.96 -25.42 21.99
N SER A 120 -11.66 -25.32 21.67
CA SER A 120 -10.69 -24.92 22.70
C SER A 120 -10.94 -23.46 23.12
N GLY A 121 -10.63 -23.16 24.39
CA GLY A 121 -10.69 -21.80 24.89
C GLY A 121 -9.72 -20.82 24.24
N ASP A 122 -8.60 -21.31 23.72
CA ASP A 122 -7.69 -20.52 22.88
C ASP A 122 -8.54 -19.83 21.85
N SER A 123 -9.20 -20.64 21.04
CA SER A 123 -9.95 -20.17 19.91
C SER A 123 -11.15 -19.32 20.34
N LYS A 124 -11.79 -19.64 21.43
CA LYS A 124 -12.91 -18.82 21.80
C LYS A 124 -12.39 -17.41 21.99
N VAL A 125 -11.28 -17.30 22.75
CA VAL A 125 -10.64 -16.00 23.02
C VAL A 125 -10.18 -15.25 21.78
N PHE A 126 -9.60 -15.99 20.83
CA PHE A 126 -9.18 -15.44 19.52
C PHE A 126 -10.28 -14.75 18.74
N TYR A 127 -11.39 -15.45 18.50
CA TYR A 127 -12.47 -14.92 17.67
C TYR A 127 -13.26 -13.84 18.40
N LEU A 128 -13.30 -13.90 19.75
CA LEU A 128 -14.02 -12.89 20.56
C LEU A 128 -13.18 -11.61 20.60
N LYS A 129 -11.87 -11.75 20.42
CA LYS A 129 -11.00 -10.59 20.29
C LYS A 129 -11.28 -9.96 18.95
N MET A 130 -11.20 -10.77 17.90
CA MET A 130 -11.51 -10.28 16.57
C MET A 130 -12.79 -9.52 16.58
N LYS A 131 -13.85 -10.10 17.10
CA LYS A 131 -15.12 -9.40 17.13
C LYS A 131 -14.99 -8.05 17.86
N GLY A 132 -14.22 -8.05 18.94
CA GLY A 132 -14.01 -6.80 19.68
C GLY A 132 -13.32 -5.74 18.81
N ASP A 133 -12.27 -6.17 18.13
CA ASP A 133 -11.50 -5.31 17.27
C ASP A 133 -12.37 -4.60 16.18
N TYR A 134 -13.19 -5.37 15.47
CA TYR A 134 -14.01 -4.82 14.37
C TYR A 134 -15.12 -3.91 14.83
N HIS A 135 -15.72 -4.19 15.98
CA HIS A 135 -16.64 -3.24 16.50
C HIS A 135 -15.89 -1.95 16.84
N ARG A 136 -14.71 -2.11 17.51
CA ARG A 136 -13.84 -0.98 17.89
C ARG A 136 -13.58 -0.13 16.68
N TYR A 137 -13.24 -0.72 15.54
CA TYR A 137 -13.08 0.11 14.32
C TYR A 137 -14.44 0.72 13.81
N LEU A 138 -15.59 0.12 14.06
CA LEU A 138 -16.83 0.88 13.76
C LEU A 138 -16.97 2.10 14.70
N ALA A 139 -16.65 1.90 15.99
CA ALA A 139 -16.75 3.00 16.94
C ALA A 139 -15.77 4.17 16.64
N GLU A 140 -14.75 3.96 15.79
CA GLU A 140 -13.75 5.01 15.46
C GLU A 140 -14.32 6.13 14.61
N PHE A 141 -15.35 5.83 13.83
CA PHE A 141 -15.93 6.81 12.92
C PHE A 141 -17.43 6.94 12.95
N LYS A 142 -18.14 5.96 13.50
CA LYS A 142 -19.60 6.11 13.56
C LYS A 142 -19.93 7.18 14.56
N THR A 143 -21.13 7.73 14.51
CA THR A 143 -21.54 8.74 15.52
C THR A 143 -22.91 8.42 16.11
N GLY A 144 -23.21 9.05 17.25
CA GLY A 144 -24.53 8.97 17.88
C GLY A 144 -24.83 7.58 18.35
N ALA A 145 -25.97 7.05 17.90
CA ALA A 145 -26.48 5.76 18.36
C ALA A 145 -25.65 4.61 17.76
N GLU A 146 -25.22 4.81 16.50
CA GLU A 146 -24.38 3.85 15.82
C GLU A 146 -23.09 3.68 16.61
N ARG A 147 -22.55 4.80 17.08
CA ARG A 147 -21.34 4.76 17.91
C ARG A 147 -21.62 4.03 19.22
N LYS A 148 -22.63 4.52 19.96
CA LYS A 148 -22.99 3.96 21.25
C LYS A 148 -23.13 2.42 21.20
N GLU A 149 -23.72 1.90 20.11
CA GLU A 149 -23.90 0.45 19.94
C GLU A 149 -22.61 -0.31 19.62
N ALA A 150 -21.77 0.28 18.77
CA ALA A 150 -20.48 -0.26 18.46
C ALA A 150 -19.61 -0.33 19.73
N ALA A 151 -19.61 0.75 20.52
CA ALA A 151 -18.91 0.78 21.80
C ALA A 151 -19.45 -0.25 22.81
N GLU A 152 -20.77 -0.34 22.96
CA GLU A 152 -21.37 -1.39 23.80
C GLU A 152 -21.00 -2.78 23.26
N SER A 153 -21.34 -3.09 22.02
CA SER A 153 -20.97 -4.38 21.42
C SER A 153 -19.49 -4.72 21.65
N THR A 154 -18.59 -3.73 21.57
CA THR A 154 -17.15 -3.96 21.83
C THR A 154 -16.86 -4.40 23.29
N LEU A 155 -17.30 -3.59 24.26
CA LEU A 155 -17.15 -3.89 25.68
C LEU A 155 -17.55 -5.33 26.04
N THR A 156 -18.65 -5.83 25.48
CA THR A 156 -19.10 -7.14 25.93
C THR A 156 -18.26 -8.29 25.32
N ALA A 157 -17.79 -8.10 24.08
CA ALA A 157 -16.97 -9.13 23.44
C ALA A 157 -15.59 -9.23 24.11
N TYR A 158 -15.01 -8.07 24.44
CA TYR A 158 -13.78 -8.03 25.17
C TYR A 158 -14.01 -8.57 26.59
N LYS A 159 -15.17 -8.24 27.19
CA LYS A 159 -15.46 -8.71 28.55
C LYS A 159 -15.56 -10.23 28.57
N ALA A 160 -16.26 -10.80 27.60
CA ALA A 160 -16.43 -12.25 27.51
C ALA A 160 -15.06 -12.91 27.38
N ALA A 161 -14.34 -12.52 26.33
CA ALA A 161 -12.99 -12.94 26.03
C ALA A 161 -12.05 -12.80 27.23
N GLN A 162 -12.20 -11.73 28.02
CA GLN A 162 -11.40 -11.58 29.24
C GLN A 162 -11.71 -12.69 30.28
N ASP A 163 -13.01 -12.86 30.59
CA ASP A 163 -13.52 -13.84 31.54
C ASP A 163 -13.09 -15.27 31.27
N ILE A 164 -12.77 -15.58 30.01
CA ILE A 164 -12.27 -16.90 29.67
C ILE A 164 -10.75 -17.00 29.77
N ALA A 165 -10.07 -16.02 29.17
CA ALA A 165 -8.60 -15.93 29.15
C ALA A 165 -7.90 -15.96 30.52
N THR A 166 -8.48 -15.29 31.50
CA THR A 166 -7.82 -15.17 32.78
C THR A 166 -7.87 -16.50 33.51
N THR A 167 -8.79 -17.35 33.10
CA THR A 167 -9.05 -18.58 33.85
C THR A 167 -8.58 -19.86 33.15
N GLU A 168 -8.16 -19.79 31.88
CA GLU A 168 -7.80 -21.01 31.12
C GLU A 168 -6.45 -20.90 30.40
N LEU A 169 -6.06 -19.68 30.04
CA LEU A 169 -4.82 -19.44 29.31
C LEU A 169 -3.71 -18.86 30.19
N ALA A 170 -2.48 -19.33 29.96
CA ALA A 170 -1.32 -18.79 30.65
C ALA A 170 -1.29 -17.24 30.57
N PRO A 171 -0.76 -16.60 31.62
CA PRO A 171 -0.61 -15.14 31.58
C PRO A 171 0.30 -14.59 30.43
N THR A 172 1.27 -15.42 30.03
CA THR A 172 2.19 -15.17 28.92
C THR A 172 1.63 -15.58 27.53
N HIS A 173 0.51 -16.28 27.49
CA HIS A 173 -0.03 -16.63 26.20
C HIS A 173 -0.24 -15.36 25.33
N PRO A 174 0.38 -15.34 24.13
CA PRO A 174 0.27 -14.27 23.16
C PRO A 174 -1.14 -13.82 22.86
N ILE A 175 -2.13 -14.74 22.91
CA ILE A 175 -3.54 -14.37 22.63
C ILE A 175 -4.20 -13.69 23.85
N ARG A 176 -3.81 -14.14 25.03
CA ARG A 176 -4.20 -13.49 26.30
C ARG A 176 -3.61 -12.06 26.37
N LEU A 177 -2.29 -11.95 26.28
CA LEU A 177 -1.56 -10.70 26.11
C LEU A 177 -2.16 -9.75 24.98
N GLY A 178 -2.56 -10.30 23.83
CA GLY A 178 -3.17 -9.48 22.80
C GLY A 178 -4.53 -8.88 23.21
N LEU A 179 -5.43 -9.70 23.72
CA LEU A 179 -6.64 -9.19 24.27
C LEU A 179 -6.33 -7.99 25.18
N ALA A 180 -5.40 -8.15 26.13
CA ALA A 180 -5.22 -7.09 27.14
C ALA A 180 -4.73 -5.79 26.47
N LEU A 181 -3.85 -5.94 25.50
CA LEU A 181 -3.35 -4.79 24.73
C LEU A 181 -4.51 -4.02 24.11
N ASN A 182 -5.29 -4.64 23.20
CA ASN A 182 -6.39 -3.93 22.55
C ASN A 182 -7.47 -3.45 23.54
N PHE A 183 -7.68 -4.21 24.60
CA PHE A 183 -8.73 -3.93 25.55
C PHE A 183 -8.39 -2.63 26.23
N SER A 184 -7.13 -2.51 26.65
CA SER A 184 -6.62 -1.26 27.21
C SER A 184 -6.69 -0.07 26.22
N VAL A 185 -6.30 -0.27 24.97
CA VAL A 185 -6.51 0.77 23.94
C VAL A 185 -8.01 1.15 23.75
N PHE A 186 -8.88 0.15 23.72
CA PHE A 186 -10.29 0.47 23.66
C PHE A 186 -10.72 1.50 24.74
N TYR A 187 -10.27 1.29 25.99
CA TYR A 187 -10.63 2.23 27.08
C TYR A 187 -10.01 3.60 26.90
N TYR A 188 -8.75 3.61 26.45
CA TYR A 188 -8.02 4.84 26.29
C TYR A 188 -8.66 5.69 25.22
N GLU A 189 -8.89 5.07 24.05
CA GLU A 189 -9.26 5.77 22.83
C GLU A 189 -10.76 5.94 22.62
N ILE A 190 -11.54 4.91 22.93
CA ILE A 190 -12.99 4.94 22.72
C ILE A 190 -13.72 5.61 23.90
N LEU A 191 -13.35 5.22 25.12
CA LEU A 191 -14.00 5.65 26.36
C LEU A 191 -13.25 6.74 27.14
N ASN A 192 -12.22 7.33 26.55
CA ASN A 192 -11.52 8.45 27.20
C ASN A 192 -11.28 8.17 28.68
N SER A 193 -10.60 7.08 28.96
CA SER A 193 -10.41 6.67 30.33
C SER A 193 -8.95 6.24 30.46
N PRO A 194 -8.03 7.23 30.54
CA PRO A 194 -6.58 6.93 30.62
C PRO A 194 -6.21 5.97 31.74
N ASP A 195 -6.79 6.16 32.93
CA ASP A 195 -6.43 5.40 34.13
C ASP A 195 -6.90 3.94 34.16
N ARG A 196 -8.15 3.67 33.80
CA ARG A 196 -8.61 2.29 33.54
C ARG A 196 -7.61 1.66 32.54
N ALA A 197 -7.37 2.36 31.43
CA ALA A 197 -6.46 1.89 30.44
C ALA A 197 -5.09 1.56 31.06
N CYS A 198 -4.46 2.52 31.72
CA CYS A 198 -3.14 2.26 32.32
C CYS A 198 -3.13 1.05 33.23
N ASN A 199 -4.11 1.00 34.13
CA ASN A 199 -4.18 -0.10 35.06
C ASN A 199 -4.50 -1.48 34.48
N LEU A 200 -5.26 -1.52 33.38
CA LEU A 200 -5.56 -2.79 32.77
C LEU A 200 -4.31 -3.37 32.08
N ALA A 201 -3.60 -2.52 31.32
CA ALA A 201 -2.28 -2.87 30.72
C ALA A 201 -1.22 -3.33 31.73
N LYS A 202 -0.96 -2.45 32.70
CA LYS A 202 -0.04 -2.71 33.79
C LYS A 202 -0.29 -4.08 34.48
N GLN A 203 -1.56 -4.42 34.74
CA GLN A 203 -1.85 -5.65 35.49
C GLN A 203 -1.52 -6.85 34.61
N ALA A 204 -1.89 -6.74 33.34
CA ALA A 204 -1.69 -7.81 32.41
C ALA A 204 -0.22 -8.01 32.27
N PHE A 205 0.50 -6.90 32.14
CA PHE A 205 1.96 -6.91 32.09
C PHE A 205 2.61 -7.59 33.31
N ASP A 206 2.33 -7.13 34.53
CA ASP A 206 2.94 -7.67 35.75
C ASP A 206 2.65 -9.16 35.94
N GLU A 207 1.43 -9.56 35.60
CA GLU A 207 0.97 -10.96 35.67
C GLU A 207 1.75 -11.86 34.72
N ALA A 208 2.05 -11.34 33.53
CA ALA A 208 2.97 -12.05 32.62
C ALA A 208 4.38 -12.15 33.22
N ILE A 209 4.88 -11.02 33.76
CA ILE A 209 6.24 -10.93 34.31
C ILE A 209 6.52 -11.98 35.41
N ALA A 210 5.55 -12.15 36.32
CA ALA A 210 5.66 -13.11 37.42
C ALA A 210 5.62 -14.60 37.03
N GLU A 211 5.41 -14.90 35.75
CA GLU A 211 5.28 -16.28 35.21
C GLU A 211 6.33 -16.56 34.13
N LEU A 212 7.27 -15.63 33.98
CA LEU A 212 8.15 -15.56 32.83
C LEU A 212 9.01 -16.78 32.69
N ASP A 213 9.58 -17.24 33.80
CA ASP A 213 10.54 -18.33 33.81
C ASP A 213 9.96 -19.62 33.19
N THR A 214 8.63 -19.68 33.04
CA THR A 214 7.96 -20.87 32.53
C THR A 214 7.33 -20.64 31.14
N LEU A 215 7.97 -19.80 30.34
CA LEU A 215 7.42 -19.38 29.05
C LEU A 215 8.06 -20.21 27.95
N GLY A 216 7.23 -20.90 27.18
CA GLY A 216 7.73 -21.77 26.12
C GLY A 216 8.43 -21.04 24.99
N GLU A 217 9.54 -21.62 24.55
CA GLU A 217 10.23 -21.28 23.31
C GLU A 217 9.28 -21.18 22.11
N GLU A 218 8.17 -21.93 22.16
CA GLU A 218 7.18 -21.83 21.11
C GLU A 218 6.48 -20.44 21.10
N SER A 219 6.13 -19.89 22.26
CA SER A 219 5.44 -18.58 22.27
C SER A 219 6.35 -17.39 22.56
N TYR A 220 7.65 -17.62 22.62
CA TYR A 220 8.61 -16.63 23.09
C TYR A 220 8.62 -15.34 22.29
N LYS A 221 8.78 -15.46 20.97
CA LYS A 221 8.80 -14.27 20.10
C LYS A 221 7.56 -13.41 20.27
N ASP A 222 6.38 -14.00 20.12
CA ASP A 222 5.13 -13.21 20.16
C ASP A 222 4.86 -12.59 21.54
N SER A 223 5.03 -13.39 22.60
CA SER A 223 4.85 -12.84 23.93
C SER A 223 5.79 -11.69 24.19
N THR A 224 7.10 -11.86 24.01
CA THR A 224 7.99 -10.73 24.33
C THR A 224 7.59 -9.46 23.54
N LEU A 225 7.11 -9.68 22.30
CA LEU A 225 6.67 -8.59 21.45
C LEU A 225 5.42 -7.89 21.93
N ILE A 226 4.47 -8.65 22.48
CA ILE A 226 3.27 -7.99 22.95
C ILE A 226 3.58 -7.35 24.30
N MET A 227 4.42 -7.98 25.09
CA MET A 227 4.93 -7.28 26.27
C MET A 227 5.60 -5.92 26.02
N GLN A 228 6.51 -5.82 25.05
CA GLN A 228 6.98 -4.49 24.64
C GLN A 228 5.87 -3.51 24.21
N LEU A 229 4.85 -3.98 23.47
CA LEU A 229 3.78 -3.05 23.01
C LEU A 229 2.96 -2.49 24.19
N LEU A 230 2.72 -3.33 25.21
CA LEU A 230 2.05 -2.92 26.46
C LEU A 230 2.91 -1.82 27.19
N ARG A 231 4.22 -2.02 27.23
CA ARG A 231 5.20 -1.06 27.80
C ARG A 231 5.24 0.28 27.02
N ASP A 232 5.10 0.21 25.70
CA ASP A 232 5.22 1.41 24.90
C ASP A 232 3.98 2.30 25.00
N ASN A 233 2.80 1.67 24.96
CA ASN A 233 1.54 2.34 25.24
C ASN A 233 1.61 2.99 26.62
N LEU A 234 2.10 2.26 27.63
CA LEU A 234 2.22 2.79 28.99
C LEU A 234 3.09 4.06 28.99
N THR A 235 4.26 3.97 28.34
CA THR A 235 5.25 5.05 28.33
C THR A 235 4.70 6.29 27.66
N LEU A 236 4.04 6.10 26.52
CA LEU A 236 3.41 7.22 25.84
C LEU A 236 2.26 7.86 26.64
N TRP A 237 1.34 7.03 27.13
CA TRP A 237 0.26 7.46 28.04
C TRP A 237 0.82 8.14 29.33
N THR A 238 1.83 7.53 29.95
CA THR A 238 2.38 8.04 31.21
C THR A 238 3.41 9.19 31.03
N ALA B 4 -16.37 30.35 -6.58
CA ALA B 4 -16.39 28.87 -6.36
C ALA B 4 -15.49 28.16 -7.37
N PRO B 5 -14.81 27.07 -6.98
CA PRO B 5 -13.80 26.48 -7.90
C PRO B 5 -14.44 25.91 -9.15
N THR B 6 -13.80 26.09 -10.32
CA THR B 6 -14.24 25.42 -11.59
C THR B 6 -14.18 23.91 -11.46
N ALA B 7 -14.49 23.21 -12.55
CA ALA B 7 -14.41 21.71 -12.59
C ALA B 7 -12.94 21.27 -12.65
N ARG B 8 -12.17 21.97 -13.46
CA ARG B 8 -10.75 21.77 -13.53
C ARG B 8 -10.17 21.95 -12.11
N GLU B 9 -10.24 23.16 -11.56
CA GLU B 9 -9.83 23.38 -10.17
C GLU B 9 -10.24 22.27 -9.19
N GLU B 10 -11.52 21.88 -9.24
CA GLU B 10 -12.01 20.83 -8.37
C GLU B 10 -11.37 19.44 -8.53
N ASN B 11 -11.31 18.91 -9.75
CA ASN B 11 -10.73 17.59 -9.95
C ASN B 11 -9.28 17.51 -9.52
N VAL B 12 -8.50 18.55 -9.84
CA VAL B 12 -7.15 18.84 -9.31
C VAL B 12 -7.08 18.75 -7.77
N TYR B 13 -8.04 19.39 -7.08
CA TYR B 13 -8.13 19.32 -5.62
C TYR B 13 -8.43 17.91 -5.14
N MET B 14 -9.50 17.29 -5.67
CA MET B 14 -9.82 15.87 -5.38
C MET B 14 -8.61 14.93 -5.54
N ALA B 15 -7.85 15.18 -6.59
CA ALA B 15 -6.60 14.47 -6.78
C ALA B 15 -5.55 14.65 -5.61
N LYS B 16 -5.43 15.84 -5.02
CA LYS B 16 -4.47 16.07 -3.94
C LYS B 16 -4.87 15.33 -2.66
N LEU B 17 -6.19 15.23 -2.44
CA LEU B 17 -6.77 14.45 -1.33
C LEU B 17 -6.48 12.96 -1.51
N ALA B 18 -6.65 12.47 -2.74
CA ALA B 18 -6.48 11.08 -3.03
C ALA B 18 -5.01 10.77 -2.83
N GLU B 19 -4.16 11.75 -3.18
CA GLU B 19 -2.73 11.51 -3.00
C GLU B 19 -2.43 11.37 -1.51
N GLN B 20 -3.00 12.22 -0.67
CA GLN B 20 -2.71 12.18 0.78
C GLN B 20 -3.23 10.86 1.37
N ALA B 21 -4.44 10.50 0.94
CA ALA B 21 -5.14 9.30 1.39
C ALA B 21 -4.52 8.02 0.82
N GLU B 22 -3.59 8.20 -0.12
CA GLU B 22 -2.83 7.12 -0.76
C GLU B 22 -3.73 6.19 -1.57
N ARG B 23 -4.75 6.79 -2.17
CA ARG B 23 -5.70 6.08 -3.00
C ARG B 23 -5.37 6.46 -4.43
N TYR B 24 -4.38 5.79 -5.03
CA TYR B 24 -3.82 6.21 -6.34
C TYR B 24 -4.65 5.93 -7.60
N GLU B 25 -5.47 4.88 -7.59
CA GLU B 25 -6.42 4.65 -8.70
C GLU B 25 -7.36 5.86 -8.87
N GLU B 26 -7.91 6.30 -7.73
CA GLU B 26 -8.80 7.47 -7.72
C GLU B 26 -8.03 8.73 -8.19
N MET B 27 -6.77 8.86 -7.75
CA MET B 27 -5.96 9.97 -8.18
C MET B 27 -5.70 9.95 -9.66
N VAL B 28 -5.50 8.76 -10.23
CA VAL B 28 -5.47 8.67 -11.69
C VAL B 28 -6.80 9.16 -12.32
N GLU B 29 -7.93 8.60 -11.90
CA GLU B 29 -9.19 9.00 -12.51
C GLU B 29 -9.43 10.51 -12.47
N PHE B 30 -9.09 11.16 -11.36
CA PHE B 30 -9.38 12.59 -11.27
C PHE B 30 -8.46 13.30 -12.23
N MET B 31 -7.24 12.80 -12.38
CA MET B 31 -6.29 13.47 -13.25
C MET B 31 -6.57 13.15 -14.69
N GLU B 32 -7.29 12.07 -14.92
CA GLU B 32 -7.68 11.82 -16.27
C GLU B 32 -8.76 12.83 -16.64
N LYS B 33 -9.75 12.95 -15.76
CA LYS B 33 -10.79 13.99 -15.93
C LYS B 33 -10.25 15.39 -16.31
N VAL B 34 -9.25 15.90 -15.62
CA VAL B 34 -8.67 17.23 -15.95
C VAL B 34 -8.14 17.30 -17.40
N SER B 35 -7.37 16.28 -17.79
CA SER B 35 -6.90 16.06 -19.16
C SER B 35 -8.03 15.93 -20.20
N ASN B 36 -8.96 14.98 -19.98
CA ASN B 36 -9.99 14.68 -20.97
C ASN B 36 -11.22 15.53 -20.79
N SER B 37 -10.97 16.79 -20.46
CA SER B 37 -11.97 17.83 -20.51
C SER B 37 -11.36 19.02 -21.24
N LEU B 38 -10.05 18.98 -21.48
CA LEU B 38 -9.39 20.04 -22.25
C LEU B 38 -9.69 19.95 -23.76
N GLY B 39 -8.86 20.59 -24.57
CA GLY B 39 -9.00 20.51 -26.01
C GLY B 39 -7.66 20.83 -26.59
N SER B 40 -7.38 22.12 -26.67
CA SER B 40 -6.09 22.61 -27.12
C SER B 40 -5.11 22.85 -25.95
N GLU B 41 -5.59 23.46 -24.85
CA GLU B 41 -4.75 23.77 -23.66
C GLU B 41 -3.81 22.63 -23.26
N GLU B 42 -2.56 22.97 -22.96
CA GLU B 42 -1.66 21.99 -22.36
C GLU B 42 -1.73 22.14 -20.82
N LEU B 43 -1.44 21.08 -20.07
CA LEU B 43 -1.51 21.08 -18.61
C LEU B 43 -0.49 22.02 -17.94
N THR B 44 -0.81 22.50 -16.74
CA THR B 44 0.07 23.40 -16.00
C THR B 44 1.18 22.50 -15.48
N VAL B 45 2.29 23.07 -15.02
CA VAL B 45 3.35 22.25 -14.48
C VAL B 45 2.85 21.38 -13.31
N GLU B 46 2.01 21.97 -12.47
CA GLU B 46 1.45 21.30 -11.31
C GLU B 46 0.66 20.04 -11.72
N GLU B 47 -0.24 20.24 -12.70
CA GLU B 47 -1.12 19.17 -13.17
C GLU B 47 -0.29 18.00 -13.68
N ARG B 48 0.70 18.27 -14.54
CA ARG B 48 1.43 17.17 -15.19
C ARG B 48 2.29 16.41 -14.17
N ASN B 49 2.79 17.14 -13.18
CA ASN B 49 3.50 16.55 -12.07
C ASN B 49 2.59 15.62 -11.33
N LEU B 50 1.36 16.04 -11.07
CA LEU B 50 0.34 15.17 -10.45
C LEU B 50 -0.01 13.91 -11.26
N LEU B 51 -0.30 14.03 -12.56
CA LEU B 51 -0.58 12.85 -13.43
C LEU B 51 0.54 11.83 -13.38
N SER B 52 1.75 12.37 -13.44
CA SER B 52 2.97 11.63 -13.37
C SER B 52 3.12 10.91 -12.04
N VAL B 53 2.76 11.56 -10.92
CA VAL B 53 2.86 10.91 -9.62
C VAL B 53 1.79 9.80 -9.50
N ALA B 54 0.56 10.18 -9.88
CA ALA B 54 -0.58 9.27 -9.91
C ALA B 54 -0.24 7.96 -10.61
N TYR B 55 0.24 8.03 -11.84
CA TYR B 55 0.50 6.80 -12.59
C TYR B 55 1.66 6.04 -12.04
N LYS B 56 2.67 6.78 -11.58
CA LYS B 56 3.90 6.17 -11.07
C LYS B 56 3.58 5.23 -9.90
N ASN B 57 2.81 5.73 -8.92
CA ASN B 57 2.43 4.91 -7.78
C ASN B 57 1.53 3.75 -8.12
N VAL B 58 0.56 3.96 -9.03
CA VAL B 58 -0.30 2.87 -9.49
C VAL B 58 0.55 1.76 -10.16
N ILE B 59 1.44 2.13 -11.06
CA ILE B 59 2.20 1.06 -11.72
C ILE B 59 3.19 0.47 -10.72
N GLY B 60 3.74 1.34 -9.86
CA GLY B 60 4.83 0.96 -9.02
C GLY B 60 4.38 -0.12 -8.07
N ALA B 61 3.11 -0.17 -7.73
CA ALA B 61 2.67 -1.26 -6.85
C ALA B 61 2.59 -2.61 -7.61
N ARG B 62 2.13 -2.57 -8.88
CA ARG B 62 2.15 -3.79 -9.74
C ARG B 62 3.55 -4.31 -10.05
N ARG B 63 4.48 -3.43 -10.39
CA ARG B 63 5.88 -3.85 -10.60
C ARG B 63 6.48 -4.50 -9.35
N ALA B 64 6.26 -3.90 -8.16
CA ALA B 64 6.71 -4.58 -6.93
C ALA B 64 6.13 -6.01 -6.75
N SER B 65 4.83 -6.15 -6.99
CA SER B 65 4.08 -7.40 -6.83
C SER B 65 4.59 -8.41 -7.81
N TRP B 66 4.82 -7.92 -9.01
CA TRP B 66 5.38 -8.68 -10.07
C TRP B 66 6.76 -9.28 -9.73
N ARG B 67 7.75 -8.45 -9.38
CA ARG B 67 9.08 -8.95 -8.94
C ARG B 67 8.97 -10.07 -7.87
N ILE B 68 8.24 -9.81 -6.80
CA ILE B 68 8.06 -10.82 -5.78
C ILE B 68 7.54 -12.16 -6.34
N ILE B 69 6.47 -12.12 -7.15
CA ILE B 69 5.83 -13.32 -7.69
C ILE B 69 6.78 -14.02 -8.68
N SER B 70 7.60 -13.23 -9.36
CA SER B 70 8.60 -13.78 -10.21
C SER B 70 9.62 -14.55 -9.40
N SER B 71 10.05 -13.98 -8.28
CA SER B 71 11.08 -14.61 -7.50
C SER B 71 10.60 -15.93 -6.97
N ILE B 72 9.33 -15.96 -6.59
CA ILE B 72 8.69 -17.16 -6.07
C ILE B 72 8.49 -18.34 -7.06
N GLU B 73 8.06 -18.09 -8.31
CA GLU B 73 8.02 -19.22 -9.25
C GLU B 73 9.41 -19.71 -9.59
N GLN B 74 10.35 -18.79 -9.79
CA GLN B 74 11.72 -19.22 -10.09
C GLN B 74 12.32 -20.06 -8.98
N LYS B 75 12.02 -19.73 -7.72
CA LYS B 75 12.49 -20.54 -6.61
C LYS B 75 11.75 -21.91 -6.58
N GLU B 76 10.52 -21.94 -7.10
CA GLU B 76 9.72 -23.17 -7.14
C GLU B 76 9.94 -24.01 -8.41
N GLU B 77 10.40 -23.35 -9.48
CA GLU B 77 10.88 -24.04 -10.68
C GLU B 77 12.03 -24.98 -10.35
N SER B 78 12.96 -24.55 -9.49
CA SER B 78 14.11 -25.40 -9.10
C SER B 78 13.90 -26.28 -7.89
N ARG B 79 12.89 -26.01 -7.05
CA ARG B 79 12.54 -26.96 -6.00
C ARG B 79 11.81 -28.18 -6.59
N GLY B 80 11.61 -28.14 -7.91
CA GLY B 80 10.85 -29.14 -8.66
C GLY B 80 9.34 -29.01 -8.50
N ASN B 81 8.86 -27.95 -7.82
CA ASN B 81 7.44 -27.90 -7.38
C ASN B 81 6.42 -27.47 -8.44
N GLU B 82 5.78 -28.47 -9.04
CA GLU B 82 5.17 -28.32 -10.36
C GLU B 82 3.82 -27.67 -10.23
N GLU B 83 2.99 -28.16 -9.33
CA GLU B 83 1.67 -27.56 -9.19
C GLU B 83 1.83 -26.09 -8.72
N HIS B 84 2.71 -25.83 -7.75
CA HIS B 84 2.96 -24.43 -7.31
C HIS B 84 3.35 -23.50 -8.44
N VAL B 85 4.35 -23.88 -9.23
CA VAL B 85 4.71 -23.11 -10.42
C VAL B 85 3.50 -22.66 -11.30
N ASN B 86 2.48 -23.53 -11.49
CA ASN B 86 1.35 -23.22 -12.40
C ASN B 86 0.43 -22.16 -11.84
N SER B 87 0.23 -22.23 -10.53
CA SER B 87 -0.64 -21.34 -9.83
C SER B 87 -0.02 -20.00 -9.80
N ILE B 88 1.27 -19.96 -9.55
CA ILE B 88 2.04 -18.73 -9.58
C ILE B 88 1.96 -18.12 -10.97
N ARG B 89 2.22 -18.95 -11.97
CA ARG B 89 2.13 -18.58 -13.38
C ARG B 89 0.79 -17.85 -13.64
N GLU B 90 -0.32 -18.43 -13.17
CA GLU B 90 -1.65 -17.89 -13.48
C GLU B 90 -1.94 -16.59 -12.71
N TYR B 91 -1.26 -16.48 -11.57
CA TYR B 91 -1.33 -15.31 -10.77
C TYR B 91 -0.44 -14.27 -11.41
N ARG B 92 0.75 -14.67 -11.90
CA ARG B 92 1.63 -13.69 -12.52
C ARG B 92 0.90 -13.00 -13.68
N SER B 93 0.06 -13.76 -14.40
CA SER B 93 -0.64 -13.27 -15.59
C SER B 93 -1.68 -12.21 -15.25
N LYS B 94 -2.35 -12.46 -14.12
CA LYS B 94 -3.34 -11.56 -13.60
C LYS B 94 -2.66 -10.21 -13.23
N ILE B 95 -1.45 -10.27 -12.65
CA ILE B 95 -0.68 -9.06 -12.39
C ILE B 95 -0.24 -8.40 -13.70
N GLU B 96 0.13 -9.22 -14.70
CA GLU B 96 0.46 -8.73 -16.06
C GLU B 96 -0.68 -8.10 -16.86
N ASN B 97 -1.91 -8.58 -16.70
CA ASN B 97 -3.01 -7.88 -17.37
C ASN B 97 -3.16 -6.45 -16.83
N GLU B 98 -2.94 -6.27 -15.52
CA GLU B 98 -3.18 -4.98 -14.90
C GLU B 98 -2.09 -4.08 -15.44
N LEU B 99 -0.85 -4.59 -15.41
CA LEU B 99 0.31 -3.84 -15.86
C LEU B 99 0.07 -3.30 -17.28
N SER B 100 -0.43 -4.21 -18.15
CA SER B 100 -0.62 -3.89 -19.57
C SER B 100 -1.66 -2.80 -19.74
N LYS B 101 -2.76 -2.93 -18.99
CA LYS B 101 -3.87 -1.99 -19.02
C LYS B 101 -3.46 -0.63 -18.46
N ILE B 102 -2.51 -0.60 -17.52
CA ILE B 102 -2.16 0.66 -16.91
C ILE B 102 -1.32 1.44 -17.89
N CYS B 103 -0.26 0.80 -18.37
CA CYS B 103 0.58 1.42 -19.41
C CYS B 103 -0.24 1.91 -20.60
N ASP B 104 -1.25 1.15 -21.01
CA ASP B 104 -2.12 1.54 -22.12
C ASP B 104 -2.83 2.90 -21.83
N GLY B 105 -3.39 3.06 -20.62
CA GLY B 105 -3.99 4.30 -20.17
C GLY B 105 -3.09 5.45 -20.54
N ILE B 106 -1.89 5.47 -19.99
CA ILE B 106 -1.04 6.65 -20.12
C ILE B 106 -0.40 6.78 -21.50
N LEU B 107 -0.07 5.68 -22.17
CA LEU B 107 0.44 5.80 -23.55
C LEU B 107 -0.60 6.42 -24.47
N LYS B 108 -1.84 5.88 -24.42
CA LYS B 108 -2.98 6.39 -25.21
C LYS B 108 -3.12 7.93 -25.12
N LEU B 109 -3.24 8.44 -23.89
CA LEU B 109 -3.38 9.88 -23.64
C LEU B 109 -2.14 10.73 -24.08
N LEU B 110 -0.95 10.21 -23.85
CA LEU B 110 0.32 10.79 -24.35
C LEU B 110 0.41 10.90 -25.91
N ASP B 111 0.05 9.82 -26.63
CA ASP B 111 0.05 9.81 -28.12
C ASP B 111 -1.05 10.68 -28.72
N ALA B 112 -2.25 10.64 -28.10
CA ALA B 112 -3.41 11.41 -28.56
C ALA B 112 -3.37 12.91 -28.16
N LYS B 113 -3.08 13.23 -26.89
CA LYS B 113 -3.12 14.62 -26.43
C LYS B 113 -1.76 15.26 -26.07
N LEU B 114 -1.12 14.75 -25.03
CA LEU B 114 -0.01 15.43 -24.38
C LEU B 114 1.22 15.70 -25.27
N ILE B 115 1.71 14.67 -25.97
CA ILE B 115 2.83 14.86 -26.91
C ILE B 115 2.48 15.92 -28.00
N PRO B 116 1.39 15.71 -28.77
CA PRO B 116 1.13 16.65 -29.88
C PRO B 116 1.01 18.16 -29.52
N SER B 117 0.45 18.48 -28.35
CA SER B 117 0.30 19.90 -27.96
C SER B 117 1.33 20.41 -26.94
N ALA B 118 2.55 19.89 -26.98
CA ALA B 118 3.62 20.43 -26.13
C ALA B 118 4.45 21.48 -26.87
N ALA B 119 4.27 22.75 -26.51
CA ALA B 119 4.89 23.89 -27.27
C ALA B 119 6.37 24.16 -26.91
N SER B 120 6.66 24.45 -25.64
CA SER B 120 8.05 24.68 -25.20
C SER B 120 8.93 23.42 -25.25
N GLY B 121 10.21 23.59 -24.98
CA GLY B 121 11.13 22.47 -24.94
C GLY B 121 11.04 21.78 -23.59
N ASP B 122 10.44 22.48 -22.64
CA ASP B 122 10.06 21.93 -21.34
C ASP B 122 9.15 20.72 -21.56
N SER B 123 7.92 21.00 -22.00
CA SER B 123 6.88 19.99 -22.14
C SER B 123 7.29 18.93 -23.14
N LYS B 124 7.99 19.32 -24.20
CA LYS B 124 8.44 18.33 -25.18
C LYS B 124 9.21 17.18 -24.50
N VAL B 125 10.25 17.51 -23.74
CA VAL B 125 11.11 16.52 -23.05
C VAL B 125 10.35 15.63 -22.04
N PHE B 126 9.34 16.21 -21.38
CA PHE B 126 8.50 15.59 -20.29
C PHE B 126 7.67 14.35 -20.74
N TYR B 127 6.74 14.58 -21.68
CA TYR B 127 5.86 13.52 -22.18
C TYR B 127 6.63 12.47 -22.92
N LEU B 128 7.79 12.89 -23.46
CA LEU B 128 8.73 12.03 -24.15
C LEU B 128 9.45 11.11 -23.18
N LYS B 129 10.04 11.68 -22.11
CA LYS B 129 10.45 10.88 -20.91
C LYS B 129 9.33 9.93 -20.48
N MET B 130 8.11 10.44 -20.41
CA MET B 130 6.99 9.63 -19.94
C MET B 130 6.77 8.47 -20.88
N LYS B 131 6.81 8.73 -22.16
CA LYS B 131 6.55 7.64 -23.10
C LYS B 131 7.63 6.53 -22.95
N GLY B 132 8.89 6.94 -22.81
CA GLY B 132 10.02 6.00 -22.63
C GLY B 132 9.82 5.18 -21.38
N ASP B 133 9.54 5.87 -20.27
CA ASP B 133 9.20 5.25 -18.98
C ASP B 133 8.19 4.11 -19.12
N TYR B 134 7.09 4.37 -19.78
CA TYR B 134 6.02 3.38 -19.80
C TYR B 134 6.22 2.26 -20.82
N HIS B 135 7.00 2.51 -21.87
CA HIS B 135 7.43 1.39 -22.71
C HIS B 135 8.49 0.55 -21.95
N ARG B 136 9.27 1.21 -21.07
CA ARG B 136 10.28 0.50 -20.27
C ARG B 136 9.60 -0.54 -19.37
N TYR B 137 8.50 -0.14 -18.72
CA TYR B 137 7.73 -1.06 -17.88
C TYR B 137 7.14 -2.23 -18.68
N LEU B 138 6.58 -1.95 -19.85
CA LEU B 138 6.24 -3.06 -20.79
C LEU B 138 7.40 -4.05 -21.01
N ALA B 139 8.60 -3.52 -21.28
CA ALA B 139 9.81 -4.32 -21.59
C ALA B 139 10.18 -5.28 -20.47
N GLU B 140 10.11 -4.80 -19.23
CA GLU B 140 10.34 -5.61 -18.02
C GLU B 140 9.59 -6.93 -17.95
N PHE B 141 8.48 -7.11 -18.68
CA PHE B 141 7.67 -8.31 -18.45
C PHE B 141 7.19 -9.01 -19.68
N LYS B 142 7.02 -8.27 -20.77
CA LYS B 142 6.59 -8.89 -22.02
C LYS B 142 7.66 -9.85 -22.53
N THR B 143 7.25 -10.81 -23.37
CA THR B 143 8.19 -11.71 -24.03
C THR B 143 7.87 -11.73 -25.53
N GLY B 144 8.67 -12.49 -26.27
CA GLY B 144 8.48 -12.66 -27.71
C GLY B 144 8.50 -11.33 -28.46
N ALA B 145 7.70 -11.24 -29.53
CA ALA B 145 7.59 -10.00 -30.33
C ALA B 145 7.24 -8.76 -29.47
N GLU B 146 6.20 -8.88 -28.64
CA GLU B 146 5.79 -7.80 -27.75
C GLU B 146 6.98 -7.14 -27.01
N ARG B 147 7.98 -7.95 -26.67
CA ARG B 147 9.17 -7.44 -25.98
C ARG B 147 10.07 -6.53 -26.84
N LYS B 148 10.39 -7.03 -28.06
CA LYS B 148 11.21 -6.38 -29.09
C LYS B 148 10.65 -4.99 -29.42
N GLU B 149 9.39 -4.97 -29.86
CA GLU B 149 8.57 -3.77 -30.03
C GLU B 149 8.78 -2.71 -28.92
N ALA B 150 8.48 -3.07 -27.67
CA ALA B 150 8.51 -2.11 -26.53
C ALA B 150 9.91 -1.56 -26.19
N ALA B 151 10.90 -2.44 -26.19
CA ALA B 151 12.25 -1.98 -25.96
C ALA B 151 12.69 -1.01 -27.07
N GLU B 152 12.20 -1.23 -28.29
CA GLU B 152 12.48 -0.36 -29.43
C GLU B 152 11.80 0.99 -29.24
N SER B 153 10.49 0.95 -28.98
CA SER B 153 9.78 2.17 -28.64
C SER B 153 10.44 2.84 -27.44
N THR B 154 11.06 2.06 -26.57
CA THR B 154 11.71 2.71 -25.43
C THR B 154 12.87 3.61 -25.91
N LEU B 155 13.70 3.07 -26.84
CA LEU B 155 14.92 3.76 -27.34
C LEU B 155 14.59 5.00 -28.14
N THR B 156 13.67 4.82 -29.07
CA THR B 156 13.20 5.88 -29.95
C THR B 156 12.80 7.09 -29.10
N ALA B 157 11.77 6.95 -28.27
CA ALA B 157 11.27 8.02 -27.43
C ALA B 157 12.39 8.64 -26.57
N TYR B 158 13.18 7.80 -25.91
CA TYR B 158 14.28 8.29 -25.07
C TYR B 158 15.37 9.08 -25.84
N LYS B 159 15.61 8.69 -27.10
CA LYS B 159 16.64 9.27 -27.92
C LYS B 159 16.18 10.61 -28.49
N ALA B 160 14.92 10.65 -28.88
CA ALA B 160 14.24 11.85 -29.39
C ALA B 160 14.31 13.01 -28.37
N ALA B 161 13.86 12.71 -27.14
CA ALA B 161 13.84 13.63 -26.01
C ALA B 161 15.25 14.08 -25.64
N GLN B 162 16.22 13.21 -25.92
CA GLN B 162 17.64 13.51 -25.68
C GLN B 162 18.11 14.73 -26.47
N ASP B 163 17.81 14.77 -27.77
CA ASP B 163 18.25 15.86 -28.64
C ASP B 163 17.79 17.16 -28.09
N ILE B 164 16.48 17.22 -27.87
CA ILE B 164 15.82 18.42 -27.45
C ILE B 164 16.45 18.82 -26.09
N ALA B 165 16.81 17.83 -25.29
CA ALA B 165 17.36 18.12 -23.96
C ALA B 165 18.72 18.78 -24.09
N THR B 166 19.58 18.17 -24.91
CA THR B 166 20.91 18.69 -25.08
C THR B 166 20.87 20.06 -25.78
N THR B 167 20.06 20.22 -26.82
CA THR B 167 20.05 21.50 -27.54
C THR B 167 19.27 22.63 -26.83
N GLU B 168 18.34 22.25 -25.96
CA GLU B 168 17.29 23.16 -25.49
C GLU B 168 17.35 23.57 -24.00
N LEU B 169 17.79 22.66 -23.11
CA LEU B 169 17.68 22.84 -21.66
C LEU B 169 18.98 22.85 -20.89
N ALA B 170 19.04 23.62 -19.80
CA ALA B 170 20.28 23.68 -19.01
C ALA B 170 20.66 22.29 -18.46
N PRO B 171 21.96 21.91 -18.46
CA PRO B 171 22.28 20.58 -17.96
C PRO B 171 21.99 20.41 -16.47
N THR B 172 21.73 21.51 -15.74
CA THR B 172 21.24 21.40 -14.34
C THR B 172 19.76 21.00 -14.22
N HIS B 173 18.94 21.32 -15.23
CA HIS B 173 17.50 21.26 -15.13
C HIS B 173 17.04 19.88 -14.66
N PRO B 174 16.15 19.81 -13.64
CA PRO B 174 15.53 18.56 -13.21
C PRO B 174 15.14 17.56 -14.33
N ILE B 175 14.44 18.05 -15.37
CA ILE B 175 13.96 17.19 -16.44
C ILE B 175 15.08 16.57 -17.25
N ARG B 176 16.07 17.38 -17.60
CA ARG B 176 17.23 16.87 -18.34
C ARG B 176 17.95 15.77 -17.52
N LEU B 177 18.06 16.00 -16.21
CA LEU B 177 18.76 15.06 -15.38
C LEU B 177 17.96 13.77 -15.16
N GLY B 178 16.63 13.88 -15.10
CA GLY B 178 15.77 12.71 -14.87
C GLY B 178 15.90 11.78 -16.05
N LEU B 179 15.80 12.39 -17.22
CA LEU B 179 15.93 11.68 -18.46
C LEU B 179 17.28 10.97 -18.50
N ALA B 180 18.33 11.70 -18.14
CA ALA B 180 19.66 11.11 -18.11
C ALA B 180 19.69 9.87 -17.22
N LEU B 181 19.19 9.98 -15.98
CA LEU B 181 19.02 8.82 -15.10
C LEU B 181 18.24 7.67 -15.76
N ASN B 182 16.97 7.91 -16.12
CA ASN B 182 16.13 6.82 -16.66
C ASN B 182 16.68 6.14 -17.92
N PHE B 183 17.14 6.97 -18.85
CA PHE B 183 17.84 6.53 -20.06
C PHE B 183 18.98 5.55 -19.69
N SER B 184 19.87 5.98 -18.79
CA SER B 184 21.02 5.16 -18.38
C SER B 184 20.59 3.85 -17.70
N VAL B 185 19.49 3.90 -16.97
CA VAL B 185 18.90 2.67 -16.49
C VAL B 185 18.37 1.79 -17.68
N PHE B 186 17.72 2.37 -18.66
CA PHE B 186 17.28 1.51 -19.80
C PHE B 186 18.41 0.67 -20.47
N TYR B 187 19.53 1.35 -20.73
CA TYR B 187 20.72 0.71 -21.31
C TYR B 187 21.21 -0.43 -20.42
N TYR B 188 21.12 -0.21 -19.10
CA TYR B 188 21.57 -1.18 -18.10
C TYR B 188 20.65 -2.40 -17.99
N GLU B 189 19.36 -2.20 -17.77
CA GLU B 189 18.48 -3.32 -17.37
C GLU B 189 17.94 -4.07 -18.56
N ILE B 190 17.61 -3.34 -19.62
CA ILE B 190 16.98 -3.96 -20.78
C ILE B 190 17.99 -4.15 -21.92
N LEU B 191 18.72 -3.10 -22.28
CA LEU B 191 19.77 -3.18 -23.32
C LEU B 191 21.01 -3.90 -22.81
N ASN B 192 21.02 -4.22 -21.53
CA ASN B 192 22.03 -5.10 -20.98
C ASN B 192 23.48 -4.69 -21.18
N SER B 193 23.72 -3.43 -21.50
CA SER B 193 25.08 -2.99 -21.69
C SER B 193 25.49 -1.97 -20.64
N PRO B 194 26.25 -2.43 -19.63
CA PRO B 194 26.90 -1.63 -18.58
C PRO B 194 27.58 -0.35 -19.04
N ASP B 195 28.53 -0.47 -19.98
CA ASP B 195 29.36 0.66 -20.45
C ASP B 195 28.58 1.86 -21.01
N ARG B 196 27.52 1.59 -21.76
CA ARG B 196 26.67 2.65 -22.31
C ARG B 196 25.89 3.33 -21.19
N ALA B 197 25.32 2.54 -20.29
CA ALA B 197 24.66 3.09 -19.11
C ALA B 197 25.64 4.01 -18.37
N CYS B 198 26.87 3.53 -18.17
CA CYS B 198 27.89 4.30 -17.49
C CYS B 198 28.36 5.59 -18.20
N ASN B 199 28.49 5.55 -19.52
CA ASN B 199 28.87 6.76 -20.29
C ASN B 199 27.81 7.87 -20.24
N LEU B 200 26.55 7.50 -20.48
CA LEU B 200 25.46 8.46 -20.47
C LEU B 200 25.37 9.06 -19.06
N ALA B 201 25.49 8.21 -18.04
CA ALA B 201 25.30 8.67 -16.65
C ALA B 201 26.48 9.50 -16.15
N LYS B 202 27.69 9.02 -16.45
CA LYS B 202 28.95 9.74 -16.13
C LYS B 202 29.02 11.16 -16.71
N GLN B 203 28.53 11.34 -17.95
CA GLN B 203 28.61 12.63 -18.65
C GLN B 203 27.65 13.71 -18.15
N ALA B 204 26.40 13.30 -17.88
CA ALA B 204 25.32 14.20 -17.48
C ALA B 204 25.51 14.72 -16.06
N PHE B 205 26.09 13.86 -15.20
CA PHE B 205 26.61 14.27 -13.90
C PHE B 205 27.68 15.35 -14.06
N ASP B 206 28.71 15.05 -14.87
CA ASP B 206 29.90 15.93 -15.16
C ASP B 206 29.55 17.32 -15.73
N GLU B 207 28.50 17.35 -16.56
CA GLU B 207 28.02 18.56 -17.24
C GLU B 207 27.34 19.57 -16.30
N ALA B 208 26.49 19.06 -15.41
CA ALA B 208 25.84 19.88 -14.38
C ALA B 208 26.77 20.15 -13.19
N ILE B 209 27.81 19.33 -13.06
CA ILE B 209 28.97 19.67 -12.23
C ILE B 209 29.58 21.02 -12.71
N ALA B 210 29.19 21.48 -13.89
CA ALA B 210 29.69 22.76 -14.37
C ALA B 210 28.76 24.00 -14.12
N GLU B 211 27.44 23.83 -14.34
CA GLU B 211 26.46 24.94 -14.21
C GLU B 211 26.20 25.40 -12.76
N GLU B 217 17.92 28.08 -7.76
CA GLU B 217 17.09 28.26 -6.58
C GLU B 217 15.78 27.45 -6.65
N GLU B 218 14.96 27.76 -7.64
CA GLU B 218 13.72 27.02 -7.86
C GLU B 218 14.00 25.53 -8.09
N SER B 219 15.20 25.21 -8.57
CA SER B 219 15.51 23.86 -9.01
C SER B 219 16.44 23.08 -8.09
N TYR B 220 17.04 23.79 -7.13
CA TYR B 220 18.12 23.26 -6.29
C TYR B 220 17.81 21.88 -5.70
N LYS B 221 16.87 21.83 -4.77
CA LYS B 221 16.35 20.56 -4.27
C LYS B 221 16.21 19.46 -5.36
N ASP B 222 15.31 19.64 -6.34
CA ASP B 222 15.04 18.58 -7.33
C ASP B 222 16.31 18.10 -8.03
N SER B 223 17.11 19.05 -8.51
CA SER B 223 18.32 18.73 -9.26
C SER B 223 19.35 17.93 -8.46
N THR B 224 19.75 18.48 -7.32
CA THR B 224 20.72 17.85 -6.44
C THR B 224 20.29 16.44 -6.07
N LEU B 225 18.98 16.23 -5.88
CA LEU B 225 18.41 14.90 -5.69
C LEU B 225 18.67 13.97 -6.89
N ILE B 226 18.41 14.42 -8.11
CA ILE B 226 18.59 13.55 -9.28
C ILE B 226 20.05 13.42 -9.64
N MET B 227 20.82 14.42 -9.26
CA MET B 227 22.25 14.35 -9.34
C MET B 227 22.79 13.26 -8.40
N GLN B 228 22.23 13.21 -7.18
CA GLN B 228 22.59 12.16 -6.21
C GLN B 228 22.15 10.76 -6.68
N LEU B 229 21.01 10.66 -7.35
CA LEU B 229 20.62 9.35 -7.90
C LEU B 229 21.59 8.86 -8.99
N LEU B 230 22.16 9.80 -9.73
CA LEU B 230 23.13 9.45 -10.72
C LEU B 230 24.35 8.82 -10.07
N ARG B 231 25.03 9.54 -9.17
CA ARG B 231 26.18 8.99 -8.41
C ARG B 231 25.84 7.63 -7.76
N ASP B 232 24.69 7.58 -7.09
CA ASP B 232 24.23 6.35 -6.44
C ASP B 232 24.17 5.21 -7.46
N ASN B 233 23.77 5.52 -8.69
CA ASN B 233 23.76 4.51 -9.75
C ASN B 233 25.14 4.12 -10.28
N LEU B 234 25.97 5.11 -10.64
CA LEU B 234 27.34 4.88 -11.11
C LEU B 234 28.19 4.08 -10.14
N THR B 235 28.05 4.37 -8.85
CA THR B 235 28.86 3.74 -7.84
C THR B 235 28.41 2.29 -7.70
N LEU B 236 27.11 2.07 -7.55
CA LEU B 236 26.55 0.71 -7.54
C LEU B 236 27.03 -0.03 -8.79
N TRP B 237 26.77 0.55 -9.97
CA TRP B 237 27.11 -0.07 -11.25
C TRP B 237 28.58 -0.50 -11.28
N THR B 238 29.48 0.47 -11.12
CA THR B 238 30.96 0.29 -11.10
C THR B 238 31.47 -0.87 -10.24
N SER B 239 30.74 -1.15 -9.15
CA SER B 239 31.19 -2.03 -8.07
C SER B 239 30.86 -3.54 -8.24
N ASP B 240 29.57 -3.84 -8.49
CA ASP B 240 29.05 -5.18 -8.92
C ASP B 240 30.12 -6.14 -9.48
N GLN C 1 -4.14 6.39 17.51
CA GLN C 1 -2.64 6.43 17.50
C GLN C 1 -1.92 5.32 18.33
N SER C 2 -2.67 4.57 19.12
CA SER C 2 -2.05 3.64 20.09
C SER C 2 -1.62 2.36 19.41
N TYR C 3 -0.75 1.58 20.03
CA TYR C 3 -0.30 0.30 19.45
C TYR C 3 -1.28 -0.84 19.72
N TPO C 4 -1.67 -1.60 18.70
CA TPO C 4 -2.58 -2.77 18.88
CB TPO C 4 -4.02 -2.43 18.44
CG2 TPO C 4 -4.58 -1.33 19.32
OG1 TPO C 4 -4.00 -2.03 17.07
P TPO C 4 -5.28 -1.69 16.14
O1P TPO C 4 -4.74 -1.68 14.74
O2P TPO C 4 -5.70 -0.35 16.63
O3P TPO C 4 -6.31 -2.77 16.38
C TPO C 4 -2.01 -3.95 18.17
O TPO C 4 -1.06 -3.78 17.41
N VAL C 5 -2.51 -5.18 18.36
CA VAL C 5 -1.97 -6.34 17.63
C VAL C 5 -3.07 -7.30 17.17
N GLN D 1 15.42 -2.22 -7.83
CA GLN D 1 16.45 -2.51 -8.87
C GLN D 1 17.48 -1.36 -8.94
N SER D 2 17.45 -0.54 -9.98
CA SER D 2 18.31 0.64 -10.04
C SER D 2 17.47 1.91 -9.96
N TYR D 3 18.05 2.99 -9.45
CA TYR D 3 17.28 4.19 -9.21
C TYR D 3 16.80 4.93 -10.45
N TPO D 4 15.48 5.18 -10.54
CA TPO D 4 14.88 6.02 -11.60
CB TPO D 4 14.01 5.19 -12.53
CG2 TPO D 4 14.92 4.22 -13.26
OG1 TPO D 4 13.06 4.44 -11.78
P TPO D 4 11.74 3.73 -12.33
O1P TPO D 4 10.98 3.60 -11.04
O2P TPO D 4 12.15 2.39 -12.84
O3P TPO D 4 11.18 4.66 -13.38
C TPO D 4 14.07 7.13 -10.97
O TPO D 4 13.78 7.09 -9.79
N VAL D 5 13.75 8.18 -11.70
CA VAL D 5 12.95 9.23 -11.08
C VAL D 5 11.78 9.71 -11.91
OAH CW1 E . 8.61 -11.75 14.86
CAL CW1 E . 8.80 -11.41 13.68
OAX CW1 E . 7.81 -11.64 12.72
CAN CW1 E . 6.68 -12.21 13.30
CAQ CW1 E . 6.61 -13.63 12.73
CBR CW1 E . 5.33 -13.73 11.83
CAG CW1 E . 5.54 -13.93 10.32
OBC CW1 E . 3.90 -13.79 12.32
CBT CW1 E . 3.54 -15.14 12.48
CBK CW1 E . 2.08 -15.65 12.11
OAY CW1 E . 1.15 -15.32 13.16
CAT CW1 E . 1.67 -15.39 10.69
OAV CW1 E . 0.52 -14.61 10.60
CAA CW1 E . 1.04 -13.27 10.82
OBB CW1 E . 4.43 -15.87 11.63
CBM CW1 E . 5.55 -15.36 12.13
OAZ CW1 E . 5.32 -16.03 13.40
CBN CW1 E . 4.01 -15.55 13.82
CBI CW1 E . 2.98 -16.57 14.34
OAI CW1 E . 3.46 -17.05 15.60
CBL CW1 E . 1.56 -15.94 14.42
OBA CW1 E . 1.64 -14.79 15.27
CBQ CW1 E . 0.32 -14.46 15.81
CBF CW1 E . 0.10 -12.99 15.41
CBD CW1 E . 1.01 -11.92 15.37
CBG CW1 E . 2.38 -12.01 16.09
CAD CW1 E . 3.63 -11.49 15.30
CAC CW1 E . 2.21 -11.35 17.48
CAO CW1 E . 0.33 -10.68 14.85
CAP CW1 E . -0.84 -11.22 14.03
CBO CW1 E . -1.23 -12.54 14.75
CAF CW1 E . -1.77 -13.58 13.74
CAM CW1 E . -2.29 -12.20 15.64
CBE CW1 E . -2.45 -12.38 17.03
CBS CW1 E . -3.59 -11.85 17.92
CAU CW1 E . -4.87 -12.64 17.93
OAW CW1 E . -5.86 -11.71 17.41
CAB CW1 E . -7.11 -12.39 17.19
OAK CW1 E . -3.89 -10.47 17.53
CAS CW1 E . -3.05 -11.74 19.30
CAR CW1 E . -1.86 -12.69 19.42
CBP CW1 E . -1.37 -12.95 18.00
CBH CW1 E . -1.07 -14.49 17.92
CAE CW1 E . -2.18 -15.39 17.27
CBJ CW1 E . 0.31 -14.64 17.33
OAJ CW1 E . 0.87 -15.90 17.71
CL CL F . -11.12 4.49 10.97
OAH CW1 G . 11.42 14.95 -0.89
CAL CW1 G . 10.61 15.16 -1.81
OAX CW1 G . 10.51 16.37 -2.47
CAN CW1 G . 9.70 17.35 -1.73
CAQ CW1 G . 9.01 18.33 -2.68
CBR CW1 G . 7.77 17.61 -3.30
CAG CW1 G . 6.40 17.88 -2.61
OBC CW1 G . 7.76 16.93 -4.69
CBT CW1 G . 7.28 17.86 -5.69
CBK CW1 G . 6.34 17.44 -6.85
OAY CW1 G . 7.10 17.30 -8.02
CAT CW1 G . 5.56 16.19 -6.83
OAV CW1 G . 4.23 16.64 -7.20
CAA CW1 G . 3.69 17.43 -6.18
OBB CW1 G . 6.55 18.79 -4.97
CBM CW1 G . 7.53 19.06 -4.03
OAZ CW1 G . 8.55 19.55 -4.93
CBN CW1 G . 8.44 18.71 -6.11
CBI CW1 G . 8.04 19.49 -7.36
OAI CW1 G . 9.08 20.42 -7.69
CBL CW1 G . 7.82 18.50 -8.50
OBA CW1 G . 9.15 18.12 -8.93
CBQ CW1 G . 9.19 17.29 -10.16
CBF CW1 G . 9.31 15.80 -9.74
CBD CW1 G . 10.13 15.08 -8.85
CBG CW1 G . 11.27 15.67 -7.97
CAD CW1 G . 10.88 15.55 -6.46
CAC CW1 G . 12.59 14.94 -8.31
CAO CW1 G . 9.72 13.60 -8.75
CAP CW1 G . 8.30 13.63 -9.24
CBO CW1 G . 8.32 14.77 -10.32
CAF CW1 G . 6.89 15.34 -10.45
CAM CW1 G . 8.75 14.22 -11.60
CBE CW1 G . 9.85 14.50 -12.46
CBS CW1 G . 10.27 13.81 -13.75
CAU CW1 G . 9.20 13.92 -14.76
OAW CW1 G . 9.03 12.74 -15.50
CAB CW1 G . 8.37 13.21 -16.66
OAK CW1 G . 10.53 12.45 -13.57
CAS CW1 G . 11.54 14.47 -14.26
CAR CW1 G . 12.13 15.20 -13.06
CBP CW1 G . 10.94 15.58 -12.19
CBH CW1 G . 10.51 17.10 -12.36
CAE CW1 G . 9.29 17.39 -13.23
CBJ CW1 G . 10.40 17.76 -10.97
OAJ CW1 G . 10.45 19.20 -11.05
#